data_2NN7
#
_entry.id   2NN7
#
_cell.length_a   62.421
_cell.length_b   71.818
_cell.length_c   121.965
_cell.angle_alpha   90.000
_cell.angle_beta   90.000
_cell.angle_gamma   90.000
#
_symmetry.space_group_name_H-M   'P 21 21 21'
#
loop_
_entity.id
_entity.type
_entity.pdbx_description
1 polymer 'Carbonic anhydrase 1'
2 non-polymer 'ZINC ION'
3 non-polymer 'ETHYL 3-[4-(AMINOSULFONYL)PHENYL]PROPANOATE'
4 non-polymer 'DIMETHYL SULFOXIDE'
5 water water
#
_entity_poly.entity_id   1
_entity_poly.type   'polypeptide(L)'
_entity_poly.pdbx_seq_one_letter_code
;ASPDWGYDDKNGPEQWSKLYPIANGNNQSPVDIKTSETKHDTSLKPISVSYNPATAKEIINVGHSFHVNFEDNDNRSVLK
GGPFSDSYRLFQFHFHWGSTNEHGSEHTVDGVKYSAELHVAHWNSAKYSSLAEAASKADGLAVIGVLMKVGEANPKLQKV
LDALQAIKTKGKRAPFTNFDPSTLLPSSLDFWTYPGSLTHPPLYESVTWIICKESISVSSEQLAQFRSLLSNVEGDNAVP
MQHNNRPTQPLKGRTVRASF
;
_entity_poly.pdbx_strand_id   A,B
#
loop_
_chem_comp.id
_chem_comp.type
_chem_comp.name
_chem_comp.formula
DMS non-polymer 'DIMETHYL SULFOXIDE' 'C2 H6 O S'
M29 non-polymer 'ETHYL 3-[4-(AMINOSULFONYL)PHENYL]PROPANOATE' 'C11 H15 N O4 S'
ZN non-polymer 'ZINC ION' 'Zn 2'
#
# COMPACT_ATOMS: atom_id res chain seq x y z
N PRO A 3 -4.40 -12.39 8.24
CA PRO A 3 -4.01 -11.05 8.74
C PRO A 3 -4.06 -10.97 10.26
N ASP A 4 -3.35 -10.00 10.81
CA ASP A 4 -3.30 -9.82 12.25
C ASP A 4 -4.45 -8.94 12.77
N TRP A 5 -5.42 -8.66 11.91
CA TRP A 5 -6.56 -7.86 12.30
C TRP A 5 -7.82 -8.37 11.64
N GLY A 6 -8.95 -8.08 12.25
CA GLY A 6 -10.23 -8.50 11.70
C GLY A 6 -11.34 -7.76 12.41
N TYR A 7 -12.49 -8.39 12.53
CA TYR A 7 -13.63 -7.77 13.20
C TYR A 7 -14.12 -8.64 14.35
N ASP A 8 -13.36 -9.68 14.69
CA ASP A 8 -13.73 -10.57 15.79
C ASP A 8 -13.45 -9.88 17.11
N ASP A 9 -13.85 -10.54 18.19
CA ASP A 9 -13.65 -10.01 19.53
C ASP A 9 -12.18 -9.79 19.84
N LYS A 10 -11.34 -10.73 19.42
CA LYS A 10 -9.92 -10.66 19.70
C LYS A 10 -9.09 -9.78 18.76
N ASN A 11 -9.46 -9.73 17.48
CA ASN A 11 -8.70 -8.91 16.54
C ASN A 11 -9.52 -7.76 15.96
N GLY A 12 -10.63 -7.45 16.61
CA GLY A 12 -11.51 -6.41 16.13
C GLY A 12 -11.06 -4.97 16.37
N PRO A 13 -11.88 -4.00 15.95
CA PRO A 13 -11.64 -2.56 16.08
C PRO A 13 -11.16 -2.12 17.44
N GLU A 14 -11.77 -2.66 18.48
CA GLU A 14 -11.41 -2.31 19.84
C GLU A 14 -9.95 -2.63 20.18
N GLN A 15 -9.36 -3.57 19.45
CA GLN A 15 -7.98 -3.98 19.72
C GLN A 15 -6.97 -3.53 18.67
N TRP A 16 -7.45 -2.91 17.60
CA TRP A 16 -6.58 -2.44 16.51
C TRP A 16 -5.42 -1.52 16.94
N SER A 17 -5.64 -0.69 17.96
CA SER A 17 -4.59 0.23 18.39
C SER A 17 -3.30 -0.46 18.86
N LYS A 18 -3.41 -1.70 19.34
CA LYS A 18 -2.24 -2.42 19.80
C LYS A 18 -1.24 -2.69 18.68
N LEU A 19 -1.75 -2.93 17.47
CA LEU A 19 -0.88 -3.16 16.33
C LEU A 19 -0.77 -1.93 15.44
N TYR A 20 -1.79 -1.08 15.48
CA TYR A 20 -1.79 0.15 14.69
C TYR A 20 -2.16 1.32 15.58
N PRO A 21 -1.15 1.91 16.26
CA PRO A 21 -1.35 3.05 17.16
C PRO A 21 -2.16 4.21 16.62
N ILE A 22 -2.08 4.44 15.31
CA ILE A 22 -2.81 5.55 14.68
C ILE A 22 -4.31 5.41 14.87
N ALA A 23 -4.75 4.22 15.27
CA ALA A 23 -6.17 3.95 15.48
C ALA A 23 -6.77 4.93 16.49
N ASN A 24 -5.92 5.46 17.38
CA ASN A 24 -6.35 6.41 18.40
C ASN A 24 -5.95 7.82 17.97
N GLY A 25 -5.72 7.99 16.67
CA GLY A 25 -5.31 9.29 16.13
C GLY A 25 -6.34 10.41 16.22
N ASN A 26 -6.01 11.54 15.61
CA ASN A 26 -6.88 12.72 15.61
C ASN A 26 -7.74 12.89 14.36
N ASN A 27 -7.50 12.06 13.35
CA ASN A 27 -8.25 12.13 12.10
C ASN A 27 -8.80 10.76 11.70
N GLN A 28 -9.36 10.05 12.67
CA GLN A 28 -9.90 8.72 12.43
C GLN A 28 -11.35 8.69 11.96
N SER A 29 -11.68 7.67 11.17
CA SER A 29 -13.03 7.49 10.63
C SER A 29 -13.53 6.07 10.94
N PRO A 30 -14.85 5.85 10.90
CA PRO A 30 -15.88 6.85 10.59
C PRO A 30 -16.20 7.70 11.80
N VAL A 31 -17.18 8.58 11.64
CA VAL A 31 -17.59 9.46 12.73
C VAL A 31 -19.10 9.68 12.69
N ASP A 32 -19.64 10.20 13.78
CA ASP A 32 -21.06 10.50 13.84
C ASP A 32 -21.21 11.94 13.39
N ILE A 33 -22.03 12.19 12.38
CA ILE A 33 -22.23 13.54 11.91
C ILE A 33 -23.41 14.18 12.65
N LYS A 34 -23.11 15.18 13.48
CA LYS A 34 -24.14 15.90 14.23
C LYS A 34 -24.51 17.10 13.39
N THR A 35 -25.65 17.01 12.72
CA THR A 35 -26.11 18.07 11.84
C THR A 35 -26.22 19.45 12.48
N SER A 36 -26.48 19.50 13.79
CA SER A 36 -26.59 20.78 14.47
C SER A 36 -25.22 21.44 14.60
N GLU A 37 -24.15 20.66 14.44
CA GLU A 37 -22.80 21.20 14.55
C GLU A 37 -22.04 21.28 13.23
N THR A 38 -22.69 20.93 12.13
CA THR A 38 -22.02 21.00 10.84
C THR A 38 -21.90 22.45 10.42
N LYS A 39 -20.84 22.77 9.69
CA LYS A 39 -20.61 24.13 9.25
C LYS A 39 -20.80 24.27 7.74
N HIS A 40 -21.88 24.93 7.34
CA HIS A 40 -22.18 25.14 5.94
C HIS A 40 -21.12 26.02 5.29
N ASP A 41 -20.47 25.50 4.26
CA ASP A 41 -19.43 26.25 3.56
C ASP A 41 -19.86 26.55 2.13
N THR A 42 -19.80 27.81 1.75
CA THR A 42 -20.19 28.24 0.41
C THR A 42 -19.02 28.09 -0.57
N SER A 43 -17.88 27.69 -0.03
CA SER A 43 -16.69 27.49 -0.84
C SER A 43 -16.71 26.13 -1.53
N LEU A 44 -17.64 25.28 -1.09
CA LEU A 44 -17.77 23.94 -1.66
C LEU A 44 -18.55 23.91 -2.97
N LYS A 45 -17.94 23.34 -3.99
CA LYS A 45 -18.60 23.23 -5.28
C LYS A 45 -19.29 21.88 -5.35
N PRO A 46 -20.22 21.70 -6.29
CA PRO A 46 -20.92 20.42 -6.40
C PRO A 46 -19.95 19.29 -6.70
N ILE A 47 -20.35 18.07 -6.36
CA ILE A 47 -19.52 16.92 -6.64
C ILE A 47 -19.73 16.55 -8.09
N SER A 48 -18.65 16.15 -8.75
CA SER A 48 -18.75 15.77 -10.14
C SER A 48 -18.08 14.41 -10.34
N VAL A 49 -18.85 13.43 -10.81
CA VAL A 49 -18.28 12.10 -11.08
C VAL A 49 -18.48 11.72 -12.53
N SER A 50 -17.41 11.20 -13.13
CA SER A 50 -17.46 10.78 -14.51
C SER A 50 -16.65 9.50 -14.63
N TYR A 51 -17.35 8.38 -14.56
CA TYR A 51 -16.72 7.08 -14.63
C TYR A 51 -16.97 6.38 -15.95
N ASN A 52 -15.94 5.69 -16.45
CA ASN A 52 -16.03 4.95 -17.70
C ASN A 52 -16.27 3.48 -17.35
N PRO A 53 -17.40 2.91 -17.78
CA PRO A 53 -17.67 1.51 -17.46
C PRO A 53 -16.55 0.56 -17.87
N ALA A 54 -15.78 0.94 -18.88
CA ALA A 54 -14.68 0.12 -19.36
C ALA A 54 -13.53 -0.06 -18.36
N THR A 55 -13.52 0.75 -17.29
CA THR A 55 -12.46 0.64 -16.28
C THR A 55 -12.72 -0.42 -15.22
N ALA A 56 -13.94 -0.96 -15.20
CA ALA A 56 -14.26 -2.02 -14.24
C ALA A 56 -13.30 -3.16 -14.57
N LYS A 57 -12.72 -3.78 -13.54
CA LYS A 57 -11.75 -4.84 -13.77
C LYS A 57 -11.98 -6.20 -13.11
N GLU A 58 -12.09 -6.20 -11.79
CA GLU A 58 -12.20 -7.46 -11.09
C GLU A 58 -12.86 -7.33 -9.73
N ILE A 59 -13.48 -8.42 -9.28
CA ILE A 59 -14.13 -8.45 -7.96
C ILE A 59 -13.34 -9.47 -7.12
N ILE A 60 -13.01 -9.09 -5.89
CA ILE A 60 -12.21 -9.93 -5.01
C ILE A 60 -12.73 -10.14 -3.61
N ASN A 61 -12.64 -11.39 -3.13
CA ASN A 61 -13.05 -11.72 -1.76
C ASN A 61 -11.75 -11.52 -0.99
N VAL A 62 -11.69 -10.48 -0.17
CA VAL A 62 -10.47 -10.21 0.60
C VAL A 62 -10.52 -10.71 2.03
N GLY A 63 -11.40 -11.68 2.30
CA GLY A 63 -11.49 -12.25 3.63
C GLY A 63 -12.45 -11.55 4.57
N HIS A 64 -12.27 -10.25 4.77
CA HIS A 64 -13.13 -9.49 5.67
C HIS A 64 -14.21 -8.70 4.92
N SER A 65 -14.11 -8.71 3.60
CA SER A 65 -15.04 -7.97 2.75
C SER A 65 -14.73 -8.39 1.32
N PHE A 66 -15.32 -7.70 0.35
CA PHE A 66 -15.04 -7.99 -1.04
C PHE A 66 -14.84 -6.64 -1.70
N HIS A 67 -13.97 -6.61 -2.70
CA HIS A 67 -13.66 -5.37 -3.39
C HIS A 67 -13.86 -5.48 -4.88
N VAL A 68 -14.32 -4.38 -5.47
CA VAL A 68 -14.50 -4.31 -6.92
C VAL A 68 -13.48 -3.25 -7.36
N ASN A 69 -12.43 -3.71 -8.02
CA ASN A 69 -11.37 -2.82 -8.47
C ASN A 69 -11.52 -2.36 -9.90
N PHE A 70 -10.89 -1.24 -10.20
CA PHE A 70 -10.93 -0.62 -11.53
C PHE A 70 -9.53 -0.32 -12.03
N GLU A 71 -9.38 -0.28 -13.36
CA GLU A 71 -8.10 0.05 -13.97
C GLU A 71 -7.84 1.52 -13.64
N ASP A 72 -6.67 1.83 -13.10
CA ASP A 72 -6.36 3.22 -12.73
C ASP A 72 -5.08 3.73 -13.39
N ASN A 73 -4.91 3.43 -14.67
CA ASN A 73 -3.73 3.86 -15.41
C ASN A 73 -3.89 5.24 -16.02
N ASP A 74 -5.13 5.71 -16.09
CA ASP A 74 -5.37 7.04 -16.65
C ASP A 74 -6.60 7.67 -16.02
N ASN A 75 -7.03 8.82 -16.54
CA ASN A 75 -8.18 9.51 -15.99
C ASN A 75 -9.51 9.25 -16.69
N ARG A 76 -9.76 8.00 -17.07
CA ARG A 76 -11.03 7.68 -17.72
C ARG A 76 -12.17 7.78 -16.70
N SER A 77 -11.85 7.55 -15.43
CA SER A 77 -12.85 7.59 -14.37
C SER A 77 -12.36 8.50 -13.25
N VAL A 78 -13.01 9.65 -13.09
CA VAL A 78 -12.57 10.60 -12.08
C VAL A 78 -13.66 11.28 -11.28
N LEU A 79 -13.23 11.87 -10.16
CA LEU A 79 -14.08 12.61 -9.24
C LEU A 79 -13.51 14.02 -9.14
N LYS A 80 -14.38 15.02 -9.20
CA LYS A 80 -13.96 16.41 -9.12
C LYS A 80 -15.02 17.24 -8.41
N GLY A 81 -14.70 18.51 -8.18
CA GLY A 81 -15.63 19.39 -7.50
C GLY A 81 -15.52 19.23 -6.01
N GLY A 82 -16.62 19.51 -5.30
CA GLY A 82 -16.61 19.41 -3.85
C GLY A 82 -15.52 20.27 -3.26
N PRO A 83 -14.71 19.74 -2.32
CA PRO A 83 -13.63 20.52 -1.72
C PRO A 83 -12.32 20.34 -2.46
N PHE A 84 -12.35 19.61 -3.57
CA PHE A 84 -11.15 19.33 -4.33
C PHE A 84 -10.84 20.31 -5.43
N SER A 85 -9.55 20.56 -5.63
CA SER A 85 -9.10 21.43 -6.69
C SER A 85 -8.44 20.50 -7.70
N ASP A 86 -7.98 19.34 -7.22
CA ASP A 86 -7.35 18.34 -8.05
C ASP A 86 -8.32 17.22 -8.42
N SER A 87 -8.04 16.56 -9.54
CA SER A 87 -8.87 15.46 -10.01
C SER A 87 -8.44 14.17 -9.30
N TYR A 88 -9.41 13.41 -8.79
CA TYR A 88 -9.12 12.14 -8.10
C TYR A 88 -9.57 10.97 -8.97
N ARG A 89 -8.71 9.97 -9.08
CA ARG A 89 -8.95 8.80 -9.90
C ARG A 89 -9.59 7.63 -9.17
N LEU A 90 -10.71 7.15 -9.72
CA LEU A 90 -11.43 6.01 -9.14
C LEU A 90 -10.56 4.75 -9.19
N PHE A 91 -10.67 3.90 -8.18
CA PHE A 91 -9.90 2.66 -8.23
C PHE A 91 -10.62 1.49 -7.58
N GLN A 92 -11.65 1.78 -6.79
CA GLN A 92 -12.39 0.71 -6.13
C GLN A 92 -13.66 1.17 -5.42
N PHE A 93 -14.57 0.22 -5.22
CA PHE A 93 -15.77 0.48 -4.45
C PHE A 93 -16.06 -0.81 -3.69
N HIS A 94 -16.63 -0.69 -2.51
CA HIS A 94 -16.94 -1.86 -1.71
C HIS A 94 -18.00 -1.44 -0.71
N PHE A 95 -18.40 -2.36 0.17
CA PHE A 95 -19.42 -2.05 1.16
C PHE A 95 -18.97 -2.48 2.54
N HIS A 96 -19.78 -2.10 3.51
CA HIS A 96 -19.60 -2.44 4.91
C HIS A 96 -21.01 -2.77 5.35
N TRP A 97 -21.13 -3.72 6.28
CA TRP A 97 -22.45 -4.12 6.76
C TRP A 97 -22.32 -4.70 8.17
N GLY A 98 -23.46 -4.94 8.81
CA GLY A 98 -23.46 -5.47 10.17
C GLY A 98 -24.13 -6.83 10.29
N SER A 99 -24.14 -7.36 11.52
CA SER A 99 -24.74 -8.67 11.80
C SER A 99 -26.24 -8.70 11.51
N THR A 100 -26.91 -7.59 11.80
CA THR A 100 -28.35 -7.51 11.57
C THR A 100 -28.65 -6.16 10.93
N ASN A 101 -29.89 -6.00 10.48
CA ASN A 101 -30.30 -4.75 9.84
C ASN A 101 -30.17 -3.52 10.73
N GLU A 102 -30.26 -3.72 12.05
CA GLU A 102 -30.17 -2.62 13.01
C GLU A 102 -28.93 -1.74 12.83
N HIS A 103 -27.83 -2.34 12.44
CA HIS A 103 -26.58 -1.62 12.26
C HIS A 103 -25.87 -2.14 11.00
N GLY A 104 -24.75 -1.52 10.67
CA GLY A 104 -24.03 -1.98 9.49
C GLY A 104 -23.23 -0.86 8.84
N SER A 105 -23.77 0.34 8.84
CA SER A 105 -23.07 1.47 8.24
C SER A 105 -21.90 1.84 9.16
N GLU A 106 -20.93 2.58 8.63
CA GLU A 106 -19.81 2.98 9.46
C GLU A 106 -20.09 4.38 9.98
N HIS A 107 -20.40 5.30 9.08
CA HIS A 107 -20.74 6.64 9.51
C HIS A 107 -22.17 6.60 10.05
N THR A 108 -22.50 7.55 10.92
CA THR A 108 -23.85 7.66 11.46
C THR A 108 -24.24 9.13 11.39
N VAL A 109 -25.53 9.42 11.29
CA VAL A 109 -25.99 10.80 11.23
C VAL A 109 -26.91 11.05 12.42
N ASP A 110 -26.49 11.98 13.29
CA ASP A 110 -27.24 12.29 14.50
C ASP A 110 -27.52 11.02 15.30
N GLY A 111 -26.52 10.14 15.39
CA GLY A 111 -26.65 8.90 16.14
C GLY A 111 -27.39 7.76 15.47
N VAL A 112 -28.02 8.04 14.32
CA VAL A 112 -28.76 7.02 13.62
C VAL A 112 -27.86 6.09 12.80
N LYS A 113 -27.99 4.80 13.03
CA LYS A 113 -27.20 3.79 12.33
C LYS A 113 -28.01 3.17 11.21
N TYR A 114 -27.37 3.03 10.04
CA TYR A 114 -28.04 2.41 8.91
C TYR A 114 -27.59 0.96 8.74
N SER A 115 -28.16 0.27 7.77
CA SER A 115 -27.86 -1.15 7.55
C SER A 115 -26.56 -1.51 6.86
N ALA A 116 -26.04 -0.59 6.05
CA ALA A 116 -24.79 -0.83 5.35
C ALA A 116 -24.29 0.50 4.82
N GLU A 117 -23.13 0.47 4.17
CA GLU A 117 -22.57 1.70 3.64
C GLU A 117 -21.74 1.36 2.43
N LEU A 118 -21.86 2.20 1.41
CA LEU A 118 -21.14 2.02 0.17
C LEU A 118 -19.96 2.99 0.17
N HIS A 119 -18.80 2.50 -0.24
CA HIS A 119 -17.60 3.33 -0.31
C HIS A 119 -17.02 3.30 -1.71
N VAL A 120 -16.87 4.48 -2.30
CA VAL A 120 -16.29 4.60 -3.64
C VAL A 120 -14.98 5.38 -3.43
N ALA A 121 -13.87 4.68 -3.63
CA ALA A 121 -12.54 5.26 -3.38
C ALA A 121 -11.79 5.74 -4.61
N HIS A 122 -11.03 6.83 -4.43
CA HIS A 122 -10.23 7.45 -5.48
C HIS A 122 -8.90 7.94 -4.89
N TRP A 123 -7.88 8.09 -5.74
CA TRP A 123 -6.58 8.62 -5.27
C TRP A 123 -6.14 9.83 -6.11
N ASN A 124 -5.41 10.73 -5.47
CA ASN A 124 -4.96 11.97 -6.10
C ASN A 124 -3.91 11.74 -7.16
N SER A 125 -4.33 11.64 -8.42
CA SER A 125 -3.42 11.42 -9.53
C SER A 125 -2.83 12.74 -10.04
N ALA A 126 -3.24 13.84 -9.43
CA ALA A 126 -2.74 15.16 -9.83
C ALA A 126 -1.41 15.40 -9.14
N LYS A 127 -1.30 14.92 -7.90
CA LYS A 127 -0.09 15.10 -7.11
C LYS A 127 0.77 13.86 -6.98
N TYR A 128 0.15 12.67 -7.02
CA TYR A 128 0.90 11.43 -6.87
C TYR A 128 0.86 10.54 -8.09
N SER A 129 1.78 9.58 -8.13
CA SER A 129 1.91 8.68 -9.26
C SER A 129 1.19 7.33 -9.13
N SER A 130 0.82 6.95 -7.92
CA SER A 130 0.15 5.67 -7.74
C SER A 130 -0.64 5.66 -6.47
N LEU A 131 -1.53 4.69 -6.34
CA LEU A 131 -2.35 4.53 -5.16
C LEU A 131 -1.43 4.32 -3.96
N ALA A 132 -0.43 3.46 -4.15
CA ALA A 132 0.51 3.14 -3.10
C ALA A 132 1.16 4.40 -2.52
N GLU A 133 1.54 5.33 -3.40
CA GLU A 133 2.14 6.57 -2.95
C GLU A 133 1.13 7.46 -2.23
N ALA A 134 -0.02 7.65 -2.87
CA ALA A 134 -1.08 8.50 -2.35
C ALA A 134 -1.74 8.00 -1.06
N ALA A 135 -1.79 6.68 -0.88
CA ALA A 135 -2.43 6.07 0.28
C ALA A 135 -2.04 6.62 1.64
N SER A 136 -0.82 7.10 1.77
CA SER A 136 -0.36 7.62 3.05
C SER A 136 -0.21 9.14 3.06
N LYS A 137 -0.72 9.81 2.04
CA LYS A 137 -0.61 11.26 1.97
C LYS A 137 -1.90 11.89 2.53
N ALA A 138 -1.75 12.96 3.29
CA ALA A 138 -2.90 13.64 3.89
C ALA A 138 -4.01 13.94 2.88
N ASP A 139 -3.62 14.31 1.67
CA ASP A 139 -4.56 14.65 0.62
C ASP A 139 -4.53 13.60 -0.48
N GLY A 140 -4.09 12.40 -0.13
CA GLY A 140 -3.98 11.34 -1.12
C GLY A 140 -5.25 10.63 -1.56
N LEU A 141 -6.16 10.40 -0.64
CA LEU A 141 -7.40 9.69 -0.96
C LEU A 141 -8.70 10.48 -0.80
N ALA A 142 -9.70 10.04 -1.57
CA ALA A 142 -11.03 10.63 -1.54
C ALA A 142 -12.03 9.49 -1.61
N VAL A 143 -12.90 9.37 -0.60
CA VAL A 143 -13.90 8.31 -0.58
C VAL A 143 -15.31 8.86 -0.42
N ILE A 144 -16.19 8.43 -1.30
CA ILE A 144 -17.59 8.83 -1.26
C ILE A 144 -18.31 7.77 -0.45
N GLY A 145 -19.00 8.20 0.59
CA GLY A 145 -19.74 7.26 1.41
C GLY A 145 -21.24 7.47 1.22
N VAL A 146 -21.97 6.39 1.01
CA VAL A 146 -23.41 6.46 0.83
C VAL A 146 -24.06 5.51 1.83
N LEU A 147 -24.93 6.06 2.67
CA LEU A 147 -25.62 5.27 3.67
C LEU A 147 -26.71 4.44 2.99
N MET A 148 -26.81 3.17 3.38
CA MET A 148 -27.80 2.28 2.79
C MET A 148 -28.86 1.92 3.81
N LYS A 149 -30.08 2.39 3.58
CA LYS A 149 -31.20 2.16 4.46
C LYS A 149 -32.02 0.95 4.04
N VAL A 150 -32.19 -0.01 4.94
CA VAL A 150 -32.95 -1.22 4.63
C VAL A 150 -34.37 -0.86 4.21
N GLY A 151 -34.82 -1.49 3.14
CA GLY A 151 -36.15 -1.22 2.61
C GLY A 151 -36.33 -2.01 1.33
N GLU A 152 -36.80 -1.36 0.29
CA GLU A 152 -37.02 -2.02 -0.99
C GLU A 152 -35.72 -2.51 -1.61
N ALA A 153 -35.80 -3.60 -2.35
CA ALA A 153 -34.62 -4.16 -3.00
C ALA A 153 -34.10 -3.10 -3.97
N ASN A 154 -32.78 -2.99 -4.05
CA ASN A 154 -32.14 -2.02 -4.94
C ASN A 154 -31.65 -2.75 -6.18
N PRO A 155 -32.36 -2.57 -7.31
CA PRO A 155 -31.98 -3.24 -8.56
C PRO A 155 -30.59 -2.89 -9.11
N LYS A 156 -30.10 -1.70 -8.76
CA LYS A 156 -28.79 -1.29 -9.23
C LYS A 156 -27.65 -2.13 -8.64
N LEU A 157 -27.95 -2.88 -7.59
CA LEU A 157 -26.97 -3.75 -6.94
C LEU A 157 -26.88 -5.13 -7.59
N GLN A 158 -27.80 -5.40 -8.50
CA GLN A 158 -27.88 -6.70 -9.16
C GLN A 158 -26.60 -7.31 -9.71
N LYS A 159 -25.90 -6.60 -10.59
CA LYS A 159 -24.66 -7.14 -11.16
C LYS A 159 -23.67 -7.55 -10.08
N VAL A 160 -23.51 -6.70 -9.07
CA VAL A 160 -22.58 -6.98 -7.98
C VAL A 160 -23.02 -8.22 -7.21
N LEU A 161 -24.28 -8.25 -6.81
CA LEU A 161 -24.83 -9.37 -6.06
C LEU A 161 -24.71 -10.67 -6.84
N ASP A 162 -24.96 -10.63 -8.14
CA ASP A 162 -24.89 -11.80 -8.98
C ASP A 162 -23.47 -12.34 -9.14
N ALA A 163 -22.48 -11.50 -8.86
CA ALA A 163 -21.09 -11.92 -9.00
C ALA A 163 -20.53 -12.60 -7.76
N LEU A 164 -21.17 -12.42 -6.62
CA LEU A 164 -20.66 -13.01 -5.39
C LEU A 164 -20.57 -14.54 -5.41
N GLN A 165 -21.46 -15.21 -6.12
CA GLN A 165 -21.41 -16.68 -6.17
C GLN A 165 -20.11 -17.20 -6.77
N ALA A 166 -19.33 -16.31 -7.37
CA ALA A 166 -18.07 -16.69 -7.98
C ALA A 166 -16.87 -16.44 -7.03
N ILE A 167 -17.07 -15.64 -6.00
CA ILE A 167 -15.99 -15.36 -5.07
C ILE A 167 -16.42 -15.62 -3.64
N LYS A 168 -17.04 -16.78 -3.42
CA LYS A 168 -17.55 -17.15 -2.11
C LYS A 168 -16.53 -17.22 -1.00
N THR A 169 -15.35 -17.75 -1.29
CA THR A 169 -14.33 -17.90 -0.26
C THR A 169 -13.11 -16.98 -0.42
N LYS A 170 -12.42 -16.77 0.71
CA LYS A 170 -11.26 -15.90 0.78
C LYS A 170 -10.24 -16.08 -0.33
N GLY A 171 -9.86 -14.96 -0.95
CA GLY A 171 -8.87 -15.01 -2.01
C GLY A 171 -9.45 -15.17 -3.38
N LYS A 172 -10.65 -15.74 -3.50
CA LYS A 172 -11.24 -15.89 -4.83
C LYS A 172 -11.44 -14.51 -5.46
N ARG A 173 -11.30 -14.45 -6.78
CA ARG A 173 -11.45 -13.19 -7.51
C ARG A 173 -11.86 -13.50 -8.93
N ALA A 174 -12.67 -12.65 -9.54
CA ALA A 174 -13.10 -12.90 -10.90
C ALA A 174 -13.25 -11.60 -11.67
N PRO A 175 -13.24 -11.69 -13.00
CA PRO A 175 -13.39 -10.50 -13.83
C PRO A 175 -14.73 -9.84 -13.53
N PHE A 176 -14.75 -8.52 -13.43
CA PHE A 176 -15.98 -7.78 -13.19
C PHE A 176 -15.80 -6.60 -14.12
N THR A 177 -16.51 -6.62 -15.24
CA THR A 177 -16.33 -5.57 -16.24
C THR A 177 -17.60 -4.84 -16.66
N ASN A 178 -17.38 -3.79 -17.46
CA ASN A 178 -18.44 -2.98 -18.02
C ASN A 178 -19.46 -2.55 -16.97
N PHE A 179 -19.00 -1.81 -15.96
CA PHE A 179 -19.89 -1.34 -14.91
C PHE A 179 -19.50 0.06 -14.48
N ASP A 180 -20.49 0.93 -14.37
CA ASP A 180 -20.29 2.31 -13.95
C ASP A 180 -20.88 2.48 -12.56
N PRO A 181 -20.03 2.58 -11.53
CA PRO A 181 -20.49 2.74 -10.14
C PRO A 181 -21.27 4.01 -9.80
N SER A 182 -21.25 5.02 -10.67
CA SER A 182 -21.99 6.24 -10.40
C SER A 182 -23.50 5.92 -10.38
N THR A 183 -23.85 4.77 -10.93
CA THR A 183 -25.25 4.34 -10.97
C THR A 183 -25.73 3.89 -9.59
N LEU A 184 -24.80 3.71 -8.65
CA LEU A 184 -25.17 3.27 -7.31
C LEU A 184 -25.34 4.46 -6.36
N LEU A 185 -24.95 5.64 -6.83
CA LEU A 185 -25.05 6.85 -6.02
C LEU A 185 -26.48 7.37 -5.97
N PRO A 186 -26.82 8.14 -4.92
CA PRO A 186 -28.18 8.68 -4.79
C PRO A 186 -28.41 9.78 -5.82
N SER A 187 -29.68 10.06 -6.12
CA SER A 187 -30.02 11.08 -7.11
C SER A 187 -29.43 12.45 -6.78
N SER A 188 -29.44 12.82 -5.51
CA SER A 188 -28.87 14.10 -5.08
C SER A 188 -27.49 13.89 -4.51
N LEU A 189 -26.55 14.75 -4.87
CA LEU A 189 -25.19 14.60 -4.37
C LEU A 189 -24.81 15.60 -3.27
N ASP A 190 -25.81 16.14 -2.59
CA ASP A 190 -25.52 17.06 -1.49
C ASP A 190 -24.68 16.22 -0.54
N PHE A 191 -23.72 16.84 0.12
CA PHE A 191 -22.84 16.07 0.98
C PHE A 191 -22.26 16.82 2.17
N TRP A 192 -21.57 16.04 2.99
CA TRP A 192 -20.85 16.50 4.15
C TRP A 192 -19.41 16.07 3.86
N THR A 193 -18.44 16.81 4.36
CA THR A 193 -17.06 16.45 4.15
C THR A 193 -16.22 16.79 5.36
N TYR A 194 -15.24 15.95 5.66
CA TYR A 194 -14.33 16.17 6.78
C TYR A 194 -13.05 15.37 6.52
N PRO A 195 -11.94 15.79 7.12
CA PRO A 195 -10.66 15.09 6.95
C PRO A 195 -10.64 13.82 7.82
N GLY A 196 -10.49 12.66 7.19
CA GLY A 196 -10.50 11.43 7.96
C GLY A 196 -9.45 10.41 7.58
N SER A 197 -9.79 9.13 7.75
CA SER A 197 -8.84 8.06 7.47
C SER A 197 -9.51 6.83 6.88
N LEU A 198 -8.70 5.81 6.64
CA LEU A 198 -9.21 4.54 6.15
C LEU A 198 -9.95 4.01 7.37
N THR A 199 -11.05 3.29 7.17
CA THR A 199 -11.80 2.78 8.31
C THR A 199 -11.33 1.44 8.86
N HIS A 200 -10.23 0.91 8.32
CA HIS A 200 -9.64 -0.33 8.81
C HIS A 200 -8.15 -0.29 8.53
N PRO A 201 -7.36 -1.11 9.24
CA PRO A 201 -5.90 -1.14 9.04
C PRO A 201 -5.54 -1.10 7.55
N PRO A 202 -4.47 -0.37 7.18
CA PRO A 202 -3.56 0.43 8.03
C PRO A 202 -4.09 1.72 8.65
N LEU A 203 -5.36 2.04 8.42
CA LEU A 203 -5.97 3.24 9.03
C LEU A 203 -5.28 4.57 8.77
N TYR A 204 -4.61 4.71 7.63
CA TYR A 204 -3.91 5.96 7.31
C TYR A 204 -4.89 7.14 7.31
N GLU A 205 -4.47 8.26 7.89
CA GLU A 205 -5.32 9.45 7.94
C GLU A 205 -5.03 10.25 6.67
N SER A 206 -5.46 9.69 5.55
CA SER A 206 -5.23 10.26 4.23
C SER A 206 -6.49 10.38 3.41
N VAL A 207 -7.65 10.27 4.05
CA VAL A 207 -8.91 10.33 3.32
C VAL A 207 -9.74 11.58 3.54
N THR A 208 -10.15 12.19 2.43
CA THR A 208 -11.03 13.35 2.49
C THR A 208 -12.38 12.68 2.23
N TRP A 209 -13.24 12.64 3.24
CA TRP A 209 -14.52 11.99 3.09
C TRP A 209 -15.62 12.84 2.49
N ILE A 210 -16.44 12.18 1.68
CA ILE A 210 -17.58 12.80 1.03
C ILE A 210 -18.77 11.92 1.38
N ILE A 211 -19.59 12.39 2.33
CA ILE A 211 -20.76 11.64 2.79
C ILE A 211 -22.04 12.23 2.20
N CYS A 212 -22.76 11.42 1.45
CA CYS A 212 -24.01 11.86 0.84
C CYS A 212 -25.11 12.01 1.86
N LYS A 213 -25.88 13.09 1.70
CA LYS A 213 -26.99 13.39 2.58
C LYS A 213 -28.12 12.38 2.34
N GLU A 214 -28.35 12.07 1.06
CA GLU A 214 -29.39 11.13 0.67
C GLU A 214 -28.89 9.69 0.73
N SER A 215 -29.73 8.79 1.23
CA SER A 215 -29.36 7.38 1.32
C SER A 215 -29.88 6.64 0.09
N ILE A 216 -29.46 5.38 -0.05
CA ILE A 216 -29.95 4.53 -1.14
C ILE A 216 -30.55 3.33 -0.42
N SER A 217 -31.42 2.58 -1.09
N SER A 217 -31.41 2.59 -1.10
CA SER A 217 -32.05 1.44 -0.45
CA SER A 217 -32.06 1.44 -0.48
C SER A 217 -31.29 0.12 -0.66
C SER A 217 -31.32 0.12 -0.68
N VAL A 218 -31.73 -0.89 0.10
CA VAL A 218 -31.16 -2.23 0.03
C VAL A 218 -32.15 -3.08 0.82
N SER A 219 -32.41 -4.29 0.35
CA SER A 219 -33.38 -5.16 1.03
C SER A 219 -32.68 -6.06 2.04
N SER A 220 -33.46 -6.62 2.95
CA SER A 220 -32.93 -7.53 3.98
C SER A 220 -32.25 -8.73 3.32
N GLU A 221 -32.81 -9.19 2.21
CA GLU A 221 -32.27 -10.34 1.50
C GLU A 221 -30.96 -9.99 0.79
N GLN A 222 -30.89 -8.78 0.22
CA GLN A 222 -29.67 -8.37 -0.45
C GLN A 222 -28.55 -8.32 0.59
N LEU A 223 -28.85 -7.78 1.77
CA LEU A 223 -27.86 -7.72 2.83
C LEU A 223 -27.48 -9.13 3.23
N ALA A 224 -28.44 -10.05 3.17
CA ALA A 224 -28.17 -11.45 3.53
C ALA A 224 -27.11 -12.02 2.60
N GLN A 225 -27.11 -11.55 1.35
CA GLN A 225 -26.14 -12.01 0.37
C GLN A 225 -24.72 -11.61 0.76
N PHE A 226 -24.56 -10.38 1.29
CA PHE A 226 -23.24 -9.94 1.72
C PHE A 226 -22.75 -10.84 2.84
N ARG A 227 -23.63 -11.08 3.80
CA ARG A 227 -23.28 -11.89 4.95
C ARG A 227 -23.13 -13.35 4.61
N SER A 228 -23.56 -13.70 3.40
CA SER A 228 -23.47 -15.08 2.93
C SER A 228 -22.05 -15.38 2.40
N LEU A 229 -21.25 -14.33 2.21
CA LEU A 229 -19.87 -14.50 1.75
C LEU A 229 -19.06 -15.16 2.85
N LEU A 230 -18.05 -15.95 2.46
CA LEU A 230 -17.24 -16.66 3.45
C LEU A 230 -15.84 -16.08 3.63
N SER A 231 -15.41 -15.99 4.88
CA SER A 231 -14.09 -15.45 5.21
C SER A 231 -12.97 -16.49 5.21
N ASN A 232 -13.36 -17.77 5.13
CA ASN A 232 -12.39 -18.87 5.12
C ASN A 232 -11.98 -19.18 3.68
N VAL A 233 -10.92 -19.97 3.54
CA VAL A 233 -10.46 -20.38 2.22
C VAL A 233 -11.23 -21.64 1.86
N GLU A 234 -11.38 -21.89 0.57
CA GLU A 234 -12.10 -23.06 0.09
C GLU A 234 -11.62 -24.34 0.75
N GLY A 235 -12.55 -25.17 1.21
CA GLY A 235 -12.19 -26.42 1.85
C GLY A 235 -12.35 -26.40 3.35
N ASP A 236 -12.06 -25.27 4.00
CA ASP A 236 -12.21 -25.15 5.46
C ASP A 236 -13.68 -24.99 5.81
N ASN A 237 -14.03 -25.16 7.08
CA ASN A 237 -15.44 -25.02 7.44
C ASN A 237 -15.82 -23.57 7.24
N ALA A 238 -17.00 -23.37 6.67
CA ALA A 238 -17.52 -22.06 6.38
C ALA A 238 -17.54 -21.12 7.57
N VAL A 239 -17.12 -19.89 7.34
CA VAL A 239 -17.12 -18.87 8.37
C VAL A 239 -17.73 -17.64 7.69
N PRO A 240 -19.06 -17.46 7.83
CA PRO A 240 -19.76 -16.33 7.23
C PRO A 240 -19.17 -14.97 7.58
N MET A 241 -19.21 -14.07 6.61
CA MET A 241 -18.70 -12.71 6.77
C MET A 241 -19.85 -11.86 7.39
N GLN A 242 -20.15 -12.08 8.67
CA GLN A 242 -21.25 -11.39 9.34
C GLN A 242 -21.24 -9.86 9.43
N HIS A 243 -20.08 -9.26 9.67
CA HIS A 243 -20.01 -7.80 9.79
C HIS A 243 -18.59 -7.29 9.55
N ASN A 244 -18.49 -6.03 9.17
CA ASN A 244 -17.20 -5.41 8.90
C ASN A 244 -17.24 -3.89 9.04
N ASN A 245 -18.07 -3.40 9.94
CA ASN A 245 -18.17 -1.95 10.12
C ASN A 245 -17.47 -1.55 11.42
N ARG A 246 -16.77 -0.42 11.36
CA ARG A 246 -16.05 0.07 12.53
C ARG A 246 -16.90 1.08 13.30
N PRO A 247 -16.79 1.09 14.63
CA PRO A 247 -17.56 2.04 15.45
C PRO A 247 -17.12 3.46 15.10
N THR A 248 -17.99 4.44 15.32
CA THR A 248 -17.65 5.82 15.03
C THR A 248 -16.56 6.28 16.02
N GLN A 249 -15.68 7.15 15.54
CA GLN A 249 -14.56 7.63 16.34
C GLN A 249 -14.71 9.11 16.74
N PRO A 250 -13.93 9.56 17.74
CA PRO A 250 -13.94 10.94 18.23
C PRO A 250 -13.56 11.96 17.16
N LEU A 251 -14.38 12.99 17.00
CA LEU A 251 -14.13 14.02 16.00
C LEU A 251 -12.87 14.81 16.34
N LYS A 252 -12.59 14.94 17.63
CA LYS A 252 -11.43 15.67 18.13
C LYS A 252 -11.13 17.00 17.46
N GLY A 253 -12.05 17.94 17.59
CA GLY A 253 -11.84 19.25 17.02
C GLY A 253 -12.18 19.42 15.55
N ARG A 254 -12.14 18.34 14.77
CA ARG A 254 -12.45 18.44 13.35
C ARG A 254 -13.82 19.08 13.12
N THR A 255 -13.97 19.72 11.98
CA THR A 255 -15.24 20.35 11.65
C THR A 255 -15.81 19.70 10.39
N VAL A 256 -17.06 19.25 10.50
CA VAL A 256 -17.74 18.63 9.37
C VAL A 256 -18.45 19.74 8.62
N ARG A 257 -18.12 19.89 7.35
CA ARG A 257 -18.73 20.92 6.52
C ARG A 257 -19.88 20.35 5.69
N ALA A 258 -20.88 21.17 5.42
CA ALA A 258 -22.04 20.76 4.63
C ALA A 258 -22.07 21.56 3.33
N SER A 259 -22.47 20.92 2.24
CA SER A 259 -22.54 21.58 0.93
C SER A 259 -23.93 22.19 0.72
N PHE A 260 -24.83 21.90 1.66
CA PHE A 260 -26.21 22.36 1.56
C PHE A 260 -26.66 23.09 2.82
N ASP B 4 6.09 10.61 9.57
CA ASP B 4 6.52 10.81 10.98
C ASP B 4 7.66 9.87 11.38
N TRP B 5 8.51 9.51 10.42
CA TRP B 5 9.65 8.65 10.69
C TRP B 5 10.79 9.04 9.78
N GLY B 6 12.00 8.75 10.23
CA GLY B 6 13.17 9.06 9.44
C GLY B 6 14.34 8.22 9.92
N TYR B 7 15.54 8.76 9.78
CA TYR B 7 16.74 8.07 10.20
C TYR B 7 17.54 8.91 11.19
N ASP B 8 16.95 10.03 11.63
CA ASP B 8 17.61 10.91 12.59
C ASP B 8 17.53 10.28 13.97
N ASP B 9 18.01 11.00 14.98
CA ASP B 9 17.96 10.47 16.32
C ASP B 9 16.56 10.56 16.91
N LYS B 10 15.77 11.53 16.46
CA LYS B 10 14.42 11.70 16.97
C LYS B 10 13.38 10.82 16.31
N ASN B 11 13.59 10.46 15.06
CA ASN B 11 12.62 9.64 14.34
C ASN B 11 13.29 8.43 13.71
N GLY B 12 14.48 8.10 14.20
CA GLY B 12 15.22 6.98 13.67
C GLY B 12 14.74 5.57 14.00
N PRO B 13 15.39 4.55 13.42
CA PRO B 13 15.11 3.13 13.59
C PRO B 13 14.90 2.67 15.02
N GLU B 14 15.68 3.24 15.94
CA GLU B 14 15.59 2.84 17.33
C GLU B 14 14.28 3.26 18.00
N GLN B 15 13.50 4.12 17.34
CA GLN B 15 12.25 4.56 17.93
C GLN B 15 11.05 4.29 17.04
N TRP B 16 11.26 3.61 15.91
CA TRP B 16 10.17 3.30 15.00
C TRP B 16 9.06 2.47 15.65
N SER B 17 9.40 1.62 16.61
CA SER B 17 8.40 0.77 17.26
C SER B 17 7.24 1.52 17.90
N LYS B 18 7.45 2.78 18.24
CA LYS B 18 6.40 3.58 18.86
C LYS B 18 5.20 3.74 17.93
N LEU B 19 5.47 4.07 16.67
CA LEU B 19 4.40 4.24 15.71
C LEU B 19 4.13 2.96 14.93
N TYR B 20 5.14 2.10 14.83
CA TYR B 20 5.02 0.84 14.12
C TYR B 20 5.54 -0.31 15.00
N PRO B 21 4.69 -0.83 15.88
CA PRO B 21 5.02 -1.93 16.80
C PRO B 21 5.66 -3.16 16.16
N ILE B 22 5.35 -3.41 14.90
CA ILE B 22 5.89 -4.58 14.18
C ILE B 22 7.41 -4.49 14.06
N ALA B 23 7.95 -3.31 14.37
CA ALA B 23 9.38 -3.08 14.32
C ALA B 23 10.12 -4.09 15.21
N ASN B 24 9.47 -4.51 16.29
CA ASN B 24 10.06 -5.48 17.22
C ASN B 24 9.57 -6.89 16.94
N GLY B 25 9.12 -7.12 15.71
CA GLY B 25 8.60 -8.42 15.30
C GLY B 25 9.62 -9.52 15.21
N ASN B 26 9.17 -10.72 14.82
CA ASN B 26 10.04 -11.89 14.73
C ASN B 26 10.59 -12.17 13.34
N ASN B 27 10.23 -11.33 12.38
CA ASN B 27 10.68 -11.49 11.00
C ASN B 27 11.13 -10.16 10.41
N GLN B 28 11.88 -9.39 11.20
CA GLN B 28 12.36 -8.09 10.76
C GLN B 28 13.67 -8.13 9.96
N SER B 29 13.86 -7.13 9.09
CA SER B 29 15.06 -7.02 8.26
C SER B 29 15.67 -5.62 8.39
N PRO B 30 16.96 -5.46 8.05
CA PRO B 30 17.86 -6.51 7.56
C PRO B 30 18.40 -7.35 8.71
N VAL B 31 19.25 -8.32 8.38
CA VAL B 31 19.86 -9.20 9.37
C VAL B 31 21.30 -9.44 8.98
N ASP B 32 22.08 -9.96 9.92
CA ASP B 32 23.46 -10.28 9.59
C ASP B 32 23.41 -11.72 9.09
N ILE B 33 24.19 -12.02 8.06
CA ILE B 33 24.21 -13.37 7.55
C ILE B 33 25.49 -14.04 8.02
N LYS B 34 25.34 -14.93 9.00
CA LYS B 34 26.48 -15.67 9.54
C LYS B 34 26.66 -16.91 8.68
N THR B 35 27.66 -16.86 7.80
CA THR B 35 27.94 -17.95 6.87
C THR B 35 28.06 -19.36 7.47
N SER B 36 28.62 -19.44 8.67
CA SER B 36 28.78 -20.75 9.32
C SER B 36 27.46 -21.25 9.86
N GLU B 37 26.43 -20.42 9.74
CA GLU B 37 25.11 -20.77 10.25
C GLU B 37 24.11 -21.06 9.13
N THR B 38 24.47 -20.68 7.91
CA THR B 38 23.57 -20.90 6.78
C THR B 38 23.44 -22.38 6.48
N LYS B 39 22.29 -22.77 5.94
CA LYS B 39 22.03 -24.15 5.59
C LYS B 39 21.75 -24.27 4.09
N HIS B 40 22.37 -25.25 3.44
CA HIS B 40 22.17 -25.45 2.01
C HIS B 40 20.88 -26.22 1.74
N ASP B 41 20.01 -25.62 0.94
CA ASP B 41 18.73 -26.21 0.59
C ASP B 41 18.76 -26.63 -0.88
N THR B 42 18.72 -27.93 -1.12
CA THR B 42 18.76 -28.46 -2.48
C THR B 42 17.53 -28.10 -3.32
N SER B 43 16.48 -27.61 -2.67
CA SER B 43 15.25 -27.24 -3.38
C SER B 43 15.30 -25.83 -3.96
N LEU B 44 16.36 -25.09 -3.64
CA LEU B 44 16.51 -23.73 -4.14
C LEU B 44 17.02 -23.69 -5.58
N LYS B 45 16.16 -23.29 -6.51
CA LYS B 45 16.53 -23.21 -7.92
C LYS B 45 17.31 -21.94 -8.19
N PRO B 46 17.99 -21.88 -9.35
CA PRO B 46 18.74 -20.67 -9.66
C PRO B 46 17.74 -19.53 -9.84
N ILE B 47 18.18 -18.32 -9.56
CA ILE B 47 17.33 -17.16 -9.70
C ILE B 47 17.24 -16.81 -11.17
N SER B 48 16.04 -16.46 -11.63
CA SER B 48 15.85 -16.09 -13.02
C SER B 48 15.16 -14.75 -13.13
N VAL B 49 15.86 -13.76 -13.66
CA VAL B 49 15.27 -12.44 -13.84
C VAL B 49 15.20 -12.06 -15.31
N SER B 50 13.99 -11.82 -15.79
CA SER B 50 13.79 -11.42 -17.17
C SER B 50 12.97 -10.15 -17.12
N TYR B 51 13.66 -9.02 -17.18
CA TYR B 51 12.98 -7.75 -17.13
C TYR B 51 12.87 -7.14 -18.51
N ASN B 52 11.82 -6.38 -18.72
CA ASN B 52 11.57 -5.70 -19.97
C ASN B 52 11.91 -4.23 -19.72
N PRO B 53 12.98 -3.73 -20.36
CA PRO B 53 13.42 -2.34 -20.18
C PRO B 53 12.32 -1.31 -20.46
N ALA B 54 11.29 -1.72 -21.19
CA ALA B 54 10.18 -0.82 -21.53
C ALA B 54 9.30 -0.57 -20.31
N THR B 55 9.48 -1.34 -19.25
CA THR B 55 8.67 -1.14 -18.06
C THR B 55 9.22 -0.03 -17.16
N ALA B 56 10.41 0.46 -17.46
CA ALA B 56 11.00 1.54 -16.68
C ALA B 56 10.02 2.68 -16.79
N LYS B 57 9.70 3.34 -15.68
CA LYS B 57 8.70 4.40 -15.73
C LYS B 57 9.08 5.76 -15.17
N GLU B 58 9.40 5.83 -13.89
CA GLU B 58 9.68 7.11 -13.27
C GLU B 58 10.65 7.04 -12.10
N ILE B 59 11.42 8.11 -11.92
CA ILE B 59 12.34 8.20 -10.79
C ILE B 59 11.78 9.31 -9.89
N ILE B 60 11.84 9.10 -8.59
CA ILE B 60 11.27 10.06 -7.66
C ILE B 60 12.02 10.17 -6.33
N ASN B 61 12.07 11.39 -5.81
CA ASN B 61 12.72 11.65 -4.53
C ASN B 61 11.65 11.48 -3.48
N VAL B 62 11.82 10.50 -2.58
CA VAL B 62 10.84 10.26 -1.53
C VAL B 62 11.25 10.79 -0.16
N GLY B 63 12.11 11.79 -0.15
CA GLY B 63 12.54 12.38 1.10
C GLY B 63 13.67 11.68 1.85
N HIS B 64 13.49 10.40 2.14
CA HIS B 64 14.52 9.64 2.85
C HIS B 64 15.39 8.84 1.89
N SER B 65 14.97 8.78 0.63
CA SER B 65 15.69 8.04 -0.40
C SER B 65 15.09 8.46 -1.74
N PHE B 66 15.44 7.73 -2.79
CA PHE B 66 14.87 8.00 -4.10
C PHE B 66 14.52 6.64 -4.68
N HIS B 67 13.47 6.57 -5.48
CA HIS B 67 13.02 5.31 -6.05
C HIS B 67 12.92 5.34 -7.57
N VAL B 68 13.23 4.21 -8.20
CA VAL B 68 13.06 4.10 -9.65
C VAL B 68 11.95 3.08 -9.79
N ASN B 69 10.78 3.55 -10.20
CA ASN B 69 9.61 2.69 -10.35
C ASN B 69 9.34 2.20 -11.77
N PHE B 70 8.68 1.04 -11.85
CA PHE B 70 8.36 0.41 -13.13
C PHE B 70 6.86 0.19 -13.27
N GLU B 71 6.38 0.14 -14.50
CA GLU B 71 4.96 -0.12 -14.75
C GLU B 71 4.71 -1.55 -14.31
N ASP B 72 3.77 -1.76 -13.38
CA ASP B 72 3.49 -3.10 -12.89
C ASP B 72 2.06 -3.56 -13.14
N ASN B 73 1.53 -3.21 -14.32
CA ASN B 73 0.17 -3.59 -14.69
C ASN B 73 0.12 -5.01 -15.26
N ASP B 74 1.26 -5.51 -15.71
CA ASP B 74 1.33 -6.86 -16.26
C ASP B 74 2.65 -7.55 -15.86
N ASN B 75 2.84 -8.76 -16.35
CA ASN B 75 4.03 -9.55 -16.05
C ASN B 75 5.15 -9.48 -17.08
N ARG B 76 5.33 -8.33 -17.71
CA ARG B 76 6.40 -8.19 -18.69
C ARG B 76 7.78 -8.37 -18.04
N SER B 77 7.91 -7.91 -16.80
CA SER B 77 9.16 -8.02 -16.06
C SER B 77 8.92 -8.85 -14.80
N VAL B 78 9.56 -10.00 -14.72
CA VAL B 78 9.36 -10.86 -13.56
C VAL B 78 10.60 -11.53 -13.01
N LEU B 79 10.47 -12.01 -11.78
CA LEU B 79 11.52 -12.73 -11.07
C LEU B 79 10.94 -14.12 -10.84
N LYS B 80 11.74 -15.15 -11.10
CA LYS B 80 11.27 -16.51 -10.88
C LYS B 80 12.46 -17.37 -10.45
N GLY B 81 12.15 -18.59 -10.01
CA GLY B 81 13.20 -19.49 -9.58
C GLY B 81 13.48 -19.27 -8.10
N GLY B 82 14.68 -19.62 -7.66
CA GLY B 82 15.01 -19.45 -6.26
C GLY B 82 14.02 -20.24 -5.40
N PRO B 83 13.52 -19.65 -4.31
CA PRO B 83 12.56 -20.33 -3.43
C PRO B 83 11.10 -20.16 -3.86
N PHE B 84 10.89 -19.53 -5.02
CA PHE B 84 9.53 -19.28 -5.51
C PHE B 84 8.99 -20.33 -6.46
N SER B 85 7.69 -20.59 -6.34
CA SER B 85 7.03 -21.56 -7.21
C SER B 85 6.27 -20.79 -8.28
N ASP B 86 6.01 -19.52 -7.99
CA ASP B 86 5.31 -18.65 -8.93
C ASP B 86 6.18 -17.43 -9.21
N SER B 87 5.80 -16.67 -10.22
CA SER B 87 6.55 -15.48 -10.61
C SER B 87 6.16 -14.23 -9.83
N TYR B 88 7.14 -13.35 -9.63
CA TYR B 88 6.92 -12.08 -8.94
C TYR B 88 7.16 -10.93 -9.91
N ARG B 89 6.30 -9.93 -9.83
CA ARG B 89 6.36 -8.78 -10.73
C ARG B 89 7.24 -7.64 -10.22
N LEU B 90 8.18 -7.22 -11.06
CA LEU B 90 9.10 -6.13 -10.72
C LEU B 90 8.34 -4.81 -10.60
N PHE B 91 8.65 -4.01 -9.59
CA PHE B 91 7.96 -2.73 -9.50
C PHE B 91 8.86 -1.57 -9.08
N GLN B 92 10.08 -1.87 -8.63
CA GLN B 92 10.98 -0.80 -8.19
C GLN B 92 12.37 -1.29 -7.79
N PHE B 93 13.30 -0.35 -7.75
CA PHE B 93 14.65 -0.62 -7.28
C PHE B 93 15.13 0.70 -6.68
N HIS B 94 15.94 0.60 -5.65
CA HIS B 94 16.46 1.77 -4.97
C HIS B 94 17.71 1.35 -4.21
N PHE B 95 18.30 2.30 -3.49
CA PHE B 95 19.51 2.01 -2.74
C PHE B 95 19.41 2.48 -1.29
N HIS B 96 20.41 2.07 -0.52
CA HIS B 96 20.56 2.44 0.88
C HIS B 96 22.03 2.77 1.02
N TRP B 97 22.35 3.80 1.78
CA TRP B 97 23.73 4.20 2.01
C TRP B 97 23.90 4.77 3.41
N GLY B 98 25.15 5.03 3.79
CA GLY B 98 25.43 5.56 5.11
C GLY B 98 26.18 6.88 5.10
N SER B 99 26.44 7.42 6.29
CA SER B 99 27.12 8.69 6.44
C SER B 99 28.54 8.67 5.87
N THR B 100 29.22 7.54 6.01
CA THR B 100 30.57 7.40 5.51
C THR B 100 30.61 6.17 4.61
N ASN B 101 31.76 5.93 3.98
CA ASN B 101 31.89 4.77 3.11
C ASN B 101 32.09 3.50 3.93
N GLU B 102 32.48 3.65 5.20
CA GLU B 102 32.74 2.52 6.08
C GLU B 102 31.46 1.76 6.49
N HIS B 103 30.32 2.36 6.23
CA HIS B 103 29.06 1.75 6.58
C HIS B 103 27.98 2.34 5.69
N GLY B 104 27.06 1.51 5.24
CA GLY B 104 26.01 2.02 4.38
C GLY B 104 25.03 0.94 3.97
N SER B 105 25.45 -0.32 4.01
CA SER B 105 24.56 -1.41 3.64
C SER B 105 23.59 -1.69 4.78
N GLU B 106 22.56 -2.48 4.50
CA GLU B 106 21.61 -2.84 5.53
C GLU B 106 21.96 -4.25 5.99
N HIS B 107 22.01 -5.21 5.08
CA HIS B 107 22.41 -6.55 5.49
C HIS B 107 23.92 -6.57 5.70
N THR B 108 24.39 -7.51 6.51
CA THR B 108 25.83 -7.64 6.74
C THR B 108 26.18 -9.11 6.60
N VAL B 109 27.44 -9.40 6.34
CA VAL B 109 27.87 -10.79 6.19
C VAL B 109 28.98 -11.03 7.21
N ASP B 110 28.69 -11.93 8.15
CA ASP B 110 29.63 -12.25 9.21
C ASP B 110 30.07 -10.96 9.93
N GLY B 111 29.10 -10.08 10.15
CA GLY B 111 29.35 -8.84 10.85
C GLY B 111 29.96 -7.70 10.05
N VAL B 112 30.39 -8.00 8.83
CA VAL B 112 31.02 -7.00 7.97
C VAL B 112 29.98 -6.16 7.25
N LYS B 113 30.06 -4.85 7.44
CA LYS B 113 29.12 -3.94 6.80
C LYS B 113 29.75 -3.38 5.52
N TYR B 114 28.94 -3.22 4.48
CA TYR B 114 29.42 -2.69 3.22
C TYR B 114 29.09 -1.20 3.07
N SER B 115 29.50 -0.62 1.96
CA SER B 115 29.29 0.81 1.73
C SER B 115 27.86 1.20 1.38
N ALA B 116 27.15 0.33 0.67
CA ALA B 116 25.78 0.63 0.28
C ALA B 116 25.07 -0.66 -0.11
N GLU B 117 23.79 -0.54 -0.50
CA GLU B 117 23.04 -1.72 -0.88
C GLU B 117 21.98 -1.39 -1.92
N LEU B 118 21.82 -2.30 -2.88
CA LEU B 118 20.82 -2.15 -3.92
C LEU B 118 19.68 -3.11 -3.63
N HIS B 119 18.45 -2.62 -3.79
CA HIS B 119 17.27 -3.44 -3.57
C HIS B 119 16.39 -3.39 -4.81
N VAL B 120 16.01 -4.57 -5.30
CA VAL B 120 15.14 -4.69 -6.45
C VAL B 120 13.90 -5.41 -5.95
N ALA B 121 12.80 -4.67 -5.83
CA ALA B 121 11.54 -5.20 -5.30
C ALA B 121 10.53 -5.70 -6.33
N HIS B 122 9.79 -6.73 -5.93
CA HIS B 122 8.77 -7.38 -6.76
C HIS B 122 7.58 -7.76 -5.90
N TRP B 123 6.42 -7.95 -6.51
CA TRP B 123 5.25 -8.38 -5.75
C TRP B 123 4.57 -9.59 -6.41
N ASN B 124 3.94 -10.42 -5.57
CA ASN B 124 3.29 -11.65 -6.03
C ASN B 124 2.04 -11.44 -6.88
N SER B 125 2.22 -11.31 -8.19
CA SER B 125 1.09 -11.12 -9.10
C SER B 125 0.39 -12.43 -9.44
N ALA B 126 0.87 -13.53 -8.86
CA ALA B 126 0.27 -14.82 -9.13
C ALA B 126 -0.86 -15.09 -8.13
N LYS B 127 -0.70 -14.60 -6.92
CA LYS B 127 -1.70 -14.79 -5.88
C LYS B 127 -2.51 -13.53 -5.57
N TYR B 128 -1.94 -12.36 -5.86
CA TYR B 128 -2.62 -11.10 -5.60
C TYR B 128 -2.79 -10.27 -6.85
N SER B 129 -3.63 -9.24 -6.77
CA SER B 129 -3.91 -8.40 -7.93
C SER B 129 -3.27 -7.02 -7.90
N SER B 130 -2.63 -6.67 -6.80
CA SER B 130 -2.00 -5.36 -6.72
C SER B 130 -0.93 -5.30 -5.65
N LEU B 131 -0.04 -4.34 -5.78
CA LEU B 131 1.02 -4.15 -4.80
C LEU B 131 0.39 -3.86 -3.45
N ALA B 132 -0.61 -2.98 -3.44
CA ALA B 132 -1.30 -2.62 -2.21
C ALA B 132 -1.80 -3.85 -1.46
N GLU B 133 -2.36 -4.80 -2.20
CA GLU B 133 -2.89 -6.02 -1.60
C GLU B 133 -1.78 -6.96 -1.11
N ALA B 134 -0.78 -7.15 -1.96
CA ALA B 134 0.34 -8.05 -1.66
C ALA B 134 1.31 -7.55 -0.58
N ALA B 135 1.48 -6.24 -0.49
CA ALA B 135 2.40 -5.63 0.45
C ALA B 135 2.34 -6.11 1.90
N SER B 136 1.15 -6.45 2.37
CA SER B 136 1.00 -6.90 3.76
C SER B 136 0.89 -8.42 3.93
N LYS B 137 1.08 -9.15 2.85
CA LYS B 137 0.98 -10.61 2.89
C LYS B 137 2.36 -11.25 3.06
N ALA B 138 2.44 -12.29 3.88
CA ALA B 138 3.71 -12.99 4.15
C ALA B 138 4.45 -13.43 2.89
N ASP B 139 3.69 -13.84 1.87
CA ASP B 139 4.28 -14.28 0.62
C ASP B 139 4.02 -13.23 -0.47
N GLY B 140 3.79 -11.99 -0.03
CA GLY B 140 3.49 -10.93 -0.98
C GLY B 140 4.62 -10.27 -1.73
N LEU B 141 5.76 -10.10 -1.08
CA LEU B 141 6.91 -9.43 -1.71
C LEU B 141 8.19 -10.25 -1.79
N ALA B 142 9.03 -9.87 -2.76
CA ALA B 142 10.32 -10.50 -2.98
C ALA B 142 11.30 -9.40 -3.36
N VAL B 143 12.37 -9.28 -2.59
CA VAL B 143 13.38 -8.27 -2.87
C VAL B 143 14.75 -8.88 -2.97
N ILE B 144 15.46 -8.50 -4.03
CA ILE B 144 16.83 -8.97 -4.25
C ILE B 144 17.75 -7.89 -3.67
N GLY B 145 18.69 -8.30 -2.83
CA GLY B 145 19.61 -7.34 -2.25
C GLY B 145 21.02 -7.57 -2.78
N VAL B 146 21.70 -6.49 -3.14
CA VAL B 146 23.07 -6.59 -3.64
C VAL B 146 23.97 -5.65 -2.85
N LEU B 147 24.99 -6.22 -2.21
CA LEU B 147 25.93 -5.45 -1.42
C LEU B 147 26.86 -4.69 -2.35
N MET B 148 27.11 -3.42 -2.01
CA MET B 148 27.96 -2.57 -2.82
C MET B 148 29.21 -2.21 -2.03
N LYS B 149 30.36 -2.57 -2.60
CA LYS B 149 31.65 -2.32 -1.97
C LYS B 149 32.35 -1.13 -2.62
N VAL B 150 32.71 -0.15 -1.81
CA VAL B 150 33.38 1.04 -2.32
C VAL B 150 34.68 0.64 -3.01
N GLY B 151 34.94 1.27 -4.14
CA GLY B 151 36.12 0.98 -4.91
C GLY B 151 36.08 1.73 -6.22
N GLU B 152 36.25 1.00 -7.33
CA GLU B 152 36.23 1.62 -8.64
C GLU B 152 34.83 2.10 -9.00
N ALA B 153 34.75 3.17 -9.76
CA ALA B 153 33.46 3.68 -10.16
C ALA B 153 32.74 2.58 -10.92
N ASN B 154 31.43 2.51 -10.73
CA ASN B 154 30.63 1.50 -11.40
C ASN B 154 29.86 2.20 -12.51
N PRO B 155 30.26 2.00 -13.77
CA PRO B 155 29.59 2.63 -14.91
C PRO B 155 28.13 2.23 -15.12
N LYS B 156 27.72 1.10 -14.56
CA LYS B 156 26.34 0.64 -14.70
C LYS B 156 25.39 1.57 -13.97
N LEU B 157 25.93 2.36 -13.05
CA LEU B 157 25.13 3.29 -12.26
C LEU B 157 24.92 4.67 -12.88
N GLN B 158 25.67 4.99 -13.92
CA GLN B 158 25.60 6.31 -14.52
C GLN B 158 24.22 6.84 -14.91
N LYS B 159 23.39 6.03 -15.57
CA LYS B 159 22.08 6.52 -15.95
C LYS B 159 21.29 6.97 -14.72
N VAL B 160 21.35 6.20 -13.65
CA VAL B 160 20.63 6.56 -12.43
C VAL B 160 21.24 7.82 -11.82
N LEU B 161 22.57 7.85 -11.77
CA LEU B 161 23.28 9.00 -11.20
C LEU B 161 23.05 10.30 -11.96
N ASP B 162 22.97 10.21 -13.29
CA ASP B 162 22.75 11.40 -14.11
C ASP B 162 21.35 11.98 -13.95
N ALA B 163 20.40 11.10 -13.64
CA ALA B 163 19.01 11.53 -13.47
C ALA B 163 18.74 12.22 -12.15
N LEU B 164 19.65 12.10 -11.20
CA LEU B 164 19.45 12.71 -9.90
C LEU B 164 19.32 14.23 -9.87
N GLN B 165 19.96 14.94 -10.79
CA GLN B 165 19.89 16.39 -10.80
C GLN B 165 18.49 16.93 -11.10
N ALA B 166 17.60 16.05 -11.55
CA ALA B 166 16.23 16.43 -11.87
C ALA B 166 15.26 16.18 -10.72
N ILE B 167 15.69 15.45 -9.70
CA ILE B 167 14.83 15.17 -8.55
C ILE B 167 15.58 15.46 -7.27
N LYS B 168 16.20 16.63 -7.20
CA LYS B 168 16.99 17.01 -6.05
C LYS B 168 16.23 17.11 -4.74
N THR B 169 15.02 17.65 -4.76
CA THR B 169 14.24 17.81 -3.54
C THR B 169 13.03 16.89 -3.41
N LYS B 170 12.63 16.67 -2.17
CA LYS B 170 11.51 15.79 -1.84
C LYS B 170 10.26 16.06 -2.66
N GLY B 171 9.72 15.01 -3.25
CA GLY B 171 8.50 15.13 -4.04
C GLY B 171 8.73 15.25 -5.52
N LYS B 172 9.90 15.72 -5.93
CA LYS B 172 10.19 15.85 -7.36
C LYS B 172 10.31 14.49 -8.04
N ARG B 173 9.91 14.43 -9.30
CA ARG B 173 9.95 13.19 -10.05
C ARG B 173 10.22 13.49 -11.52
N ALA B 174 10.64 12.48 -12.26
CA ALA B 174 10.92 12.63 -13.67
C ALA B 174 10.85 11.29 -14.39
N PRO B 175 10.59 11.31 -15.70
CA PRO B 175 10.52 10.07 -16.46
C PRO B 175 11.86 9.36 -16.44
N PHE B 176 11.82 8.04 -16.29
CA PHE B 176 13.03 7.22 -16.28
C PHE B 176 12.62 6.01 -17.08
N THR B 177 13.03 5.96 -18.34
CA THR B 177 12.63 4.89 -19.24
C THR B 177 13.74 4.08 -19.88
N ASN B 178 13.31 3.00 -20.54
CA ASN B 178 14.21 2.11 -21.23
C ASN B 178 15.43 1.75 -20.38
N PHE B 179 15.20 0.96 -19.34
CA PHE B 179 16.29 0.54 -18.45
C PHE B 179 15.98 -0.83 -17.87
N ASP B 180 16.94 -1.74 -17.98
CA ASP B 180 16.80 -3.10 -17.45
C ASP B 180 17.68 -3.16 -16.20
N PRO B 181 17.05 -3.13 -15.02
CA PRO B 181 17.80 -3.18 -13.76
C PRO B 181 18.65 -4.44 -13.53
N SER B 182 18.43 -5.50 -14.31
CA SER B 182 19.24 -6.70 -14.11
C SER B 182 20.70 -6.41 -14.49
N THR B 183 20.92 -5.28 -15.16
CA THR B 183 22.26 -4.88 -15.56
C THR B 183 23.08 -4.40 -14.37
N LEU B 184 22.42 -4.25 -13.22
CA LEU B 184 23.08 -3.79 -12.01
C LEU B 184 23.50 -4.96 -11.12
N LEU B 185 22.97 -6.15 -11.41
CA LEU B 185 23.29 -7.33 -10.61
C LEU B 185 24.69 -7.86 -10.92
N PRO B 186 25.29 -8.61 -9.97
CA PRO B 186 26.62 -9.18 -10.18
C PRO B 186 26.55 -10.28 -11.22
N SER B 187 27.70 -10.71 -11.72
CA SER B 187 27.75 -11.75 -12.72
C SER B 187 27.12 -13.07 -12.22
N SER B 188 27.49 -13.47 -11.01
CA SER B 188 26.96 -14.70 -10.42
C SER B 188 25.76 -14.40 -9.54
N LEU B 189 24.74 -15.24 -9.63
CA LEU B 189 23.55 -15.03 -8.83
C LEU B 189 23.39 -15.99 -7.66
N ASP B 190 24.50 -16.54 -7.17
CA ASP B 190 24.42 -17.43 -6.01
C ASP B 190 23.79 -16.54 -4.95
N PHE B 191 22.98 -17.13 -4.08
CA PHE B 191 22.33 -16.30 -3.08
C PHE B 191 22.00 -17.00 -1.77
N TRP B 192 21.56 -16.17 -0.83
CA TRP B 192 21.10 -16.60 0.49
C TRP B 192 19.66 -16.12 0.50
N THR B 193 18.79 -16.78 1.27
CA THR B 193 17.40 -16.34 1.36
C THR B 193 16.84 -16.62 2.76
N TYR B 194 15.96 -15.71 3.19
CA TYR B 194 15.31 -15.85 4.49
C TYR B 194 14.02 -15.05 4.47
N PRO B 195 13.08 -15.38 5.37
CA PRO B 195 11.81 -14.66 5.41
C PRO B 195 12.01 -13.39 6.27
N GLY B 196 11.69 -12.23 5.71
CA GLY B 196 11.89 -11.00 6.43
C GLY B 196 10.81 -9.95 6.22
N SER B 197 11.21 -8.68 6.28
CA SER B 197 10.28 -7.58 6.13
C SER B 197 10.85 -6.44 5.32
N LEU B 198 10.05 -5.38 5.19
CA LEU B 198 10.47 -4.17 4.50
C LEU B 198 11.45 -3.59 5.53
N THR B 199 12.52 -2.94 5.10
CA THR B 199 13.49 -2.40 6.06
C THR B 199 13.18 -1.03 6.66
N HIS B 200 12.05 -0.44 6.30
CA HIS B 200 11.61 0.82 6.88
C HIS B 200 10.10 0.80 6.89
N PRO B 201 9.47 1.66 7.69
CA PRO B 201 8.00 1.70 7.76
C PRO B 201 7.39 1.64 6.37
N PRO B 202 6.26 0.93 6.22
CA PRO B 202 5.47 0.20 7.22
C PRO B 202 6.05 -1.08 7.84
N LEU B 203 7.26 -1.48 7.42
CA LEU B 203 7.91 -2.65 7.98
C LEU B 203 7.14 -3.98 7.88
N TYR B 204 6.23 -4.09 6.92
CA TYR B 204 5.48 -5.34 6.78
C TYR B 204 6.41 -6.54 6.69
N GLU B 205 6.05 -7.63 7.37
CA GLU B 205 6.87 -8.84 7.34
C GLU B 205 6.30 -9.68 6.21
N SER B 206 6.42 -9.12 5.00
CA SER B 206 5.89 -9.72 3.79
C SER B 206 6.96 -9.98 2.74
N VAL B 207 8.22 -9.87 3.14
CA VAL B 207 9.31 -10.04 2.18
C VAL B 207 10.15 -11.30 2.24
N THR B 208 10.30 -11.94 1.09
CA THR B 208 11.15 -13.11 0.97
C THR B 208 12.42 -12.47 0.39
N TRP B 209 13.49 -12.46 1.18
CA TRP B 209 14.74 -11.85 0.74
C TRP B 209 15.66 -12.76 -0.06
N ILE B 210 16.27 -12.18 -1.09
CA ILE B 210 17.24 -12.89 -1.92
C ILE B 210 18.48 -12.01 -1.87
N ILE B 211 19.47 -12.46 -1.10
CA ILE B 211 20.72 -11.71 -0.96
C ILE B 211 21.81 -12.37 -1.81
N CYS B 212 22.36 -11.60 -2.74
CA CYS B 212 23.42 -12.11 -3.61
C CYS B 212 24.71 -12.30 -2.85
N LYS B 213 25.37 -13.42 -3.10
CA LYS B 213 26.65 -13.72 -2.45
C LYS B 213 27.73 -12.76 -2.95
N GLU B 214 27.67 -12.42 -4.24
CA GLU B 214 28.67 -11.54 -4.82
C GLU B 214 28.24 -10.07 -4.76
N SER B 215 29.20 -9.19 -4.58
CA SER B 215 28.92 -7.76 -4.49
C SER B 215 29.24 -7.03 -5.79
N ILE B 216 28.86 -5.76 -5.86
CA ILE B 216 29.17 -4.93 -7.01
C ILE B 216 29.90 -3.71 -6.46
N SER B 217 30.61 -2.99 -7.32
N SER B 217 30.61 -2.99 -7.32
CA SER B 217 31.39 -1.82 -6.88
CA SER B 217 31.39 -1.83 -6.89
C SER B 217 30.63 -0.50 -6.97
C SER B 217 30.65 -0.50 -6.99
N VAL B 218 31.23 0.54 -6.39
CA VAL B 218 30.68 1.88 -6.39
C VAL B 218 31.85 2.75 -5.91
N SER B 219 32.01 3.95 -6.46
CA SER B 219 33.12 4.80 -6.04
C SER B 219 32.68 5.75 -4.95
N SER B 220 33.67 6.32 -4.27
CA SER B 220 33.39 7.26 -3.20
C SER B 220 32.59 8.46 -3.72
N GLU B 221 32.92 8.92 -4.93
CA GLU B 221 32.22 10.07 -5.52
C GLU B 221 30.79 9.73 -5.92
N GLN B 222 30.58 8.50 -6.37
CA GLN B 222 29.24 8.09 -6.73
C GLN B 222 28.37 8.07 -5.47
N LEU B 223 28.92 7.59 -4.36
CA LEU B 223 28.16 7.55 -3.11
C LEU B 223 27.85 8.98 -2.66
N ALA B 224 28.79 9.90 -2.93
CA ALA B 224 28.61 11.30 -2.57
C ALA B 224 27.42 11.86 -3.32
N GLN B 225 27.18 11.39 -4.54
CA GLN B 225 26.04 11.85 -5.33
C GLN B 225 24.73 11.45 -4.63
N PHE B 226 24.70 10.25 -4.08
CA PHE B 226 23.49 9.82 -3.35
C PHE B 226 23.27 10.78 -2.20
N ARG B 227 24.32 11.00 -1.43
CA ARG B 227 24.26 11.87 -0.26
C ARG B 227 24.00 13.33 -0.64
N SER B 228 24.17 13.62 -1.92
CA SER B 228 23.96 14.98 -2.45
C SER B 228 22.45 15.28 -2.58
N LEU B 229 21.62 14.23 -2.58
CA LEU B 229 20.17 14.41 -2.67
C LEU B 229 19.65 15.10 -1.42
N LEU B 230 18.59 15.88 -1.57
CA LEU B 230 18.02 16.62 -0.45
C LEU B 230 16.69 16.05 0.06
N SER B 231 16.55 16.00 1.38
CA SER B 231 15.34 15.48 2.03
C SER B 231 14.26 16.53 2.24
N ASN B 232 14.61 17.79 2.04
CA ASN B 232 13.66 18.89 2.19
C ASN B 232 12.93 19.16 0.89
N VAL B 233 11.82 19.88 0.98
CA VAL B 233 11.06 20.26 -0.20
C VAL B 233 11.72 21.51 -0.77
N GLU B 234 11.53 21.72 -2.07
CA GLU B 234 12.11 22.88 -2.74
C GLU B 234 11.80 24.18 -2.01
N GLY B 235 12.79 25.05 -1.92
CA GLY B 235 12.57 26.32 -1.25
C GLY B 235 13.14 26.35 0.14
N ASP B 236 12.96 25.27 0.90
CA ASP B 236 13.48 25.23 2.27
C ASP B 236 14.99 25.08 2.26
N ASN B 237 15.61 25.28 3.42
CA ASN B 237 17.06 25.14 3.50
C ASN B 237 17.42 23.71 3.14
N ALA B 238 18.42 23.58 2.28
CA ALA B 238 18.87 22.26 1.83
C ALA B 238 19.35 21.37 2.97
N VAL B 239 18.83 20.16 3.01
CA VAL B 239 19.19 19.17 4.03
C VAL B 239 19.60 17.87 3.33
N PRO B 240 20.91 17.58 3.28
CA PRO B 240 21.43 16.38 2.63
C PRO B 240 20.89 15.06 3.18
N MET B 241 20.70 14.12 2.27
CA MET B 241 20.20 12.79 2.58
C MET B 241 21.46 11.97 2.93
N GLN B 242 22.00 12.19 4.12
CA GLN B 242 23.23 11.52 4.54
C GLN B 242 23.21 10.00 4.69
N HIS B 243 22.10 9.45 5.17
CA HIS B 243 22.03 8.00 5.35
C HIS B 243 20.60 7.49 5.46
N ASN B 244 20.40 6.22 5.14
CA ASN B 244 19.08 5.60 5.22
C ASN B 244 19.14 4.08 5.39
N ASN B 245 20.13 3.59 6.12
CA ASN B 245 20.25 2.16 6.35
C ASN B 245 19.84 1.81 7.78
N ARG B 246 19.01 0.79 7.91
CA ARG B 246 18.55 0.34 9.22
C ARG B 246 19.53 -0.70 9.79
N PRO B 247 19.73 -0.69 11.12
CA PRO B 247 20.65 -1.67 11.71
C PRO B 247 20.08 -3.07 11.56
N THR B 248 20.94 -4.08 11.60
CA THR B 248 20.49 -5.47 11.49
C THR B 248 19.67 -5.83 12.73
N GLN B 249 18.64 -6.64 12.51
CA GLN B 249 17.71 -7.06 13.56
C GLN B 249 17.92 -8.52 13.94
N PRO B 250 17.45 -8.92 15.14
CA PRO B 250 17.61 -10.30 15.58
C PRO B 250 16.92 -11.30 14.66
N LEU B 251 17.61 -12.41 14.43
CA LEU B 251 17.10 -13.45 13.55
C LEU B 251 15.93 -14.20 14.21
N LYS B 252 15.95 -14.26 15.53
CA LYS B 252 14.90 -14.93 16.29
C LYS B 252 14.48 -16.30 15.77
N GLY B 253 15.43 -17.21 15.66
CA GLY B 253 15.11 -18.55 15.20
C GLY B 253 14.97 -18.77 13.71
N ARG B 254 15.02 -17.71 12.91
CA ARG B 254 14.90 -17.87 11.46
C ARG B 254 16.13 -18.55 10.87
N THR B 255 15.95 -19.19 9.72
CA THR B 255 17.05 -19.89 9.06
C THR B 255 17.42 -19.19 7.76
N VAL B 256 18.72 -18.96 7.56
CA VAL B 256 19.19 -18.36 6.32
C VAL B 256 19.66 -19.51 5.45
N ARG B 257 18.97 -19.72 4.32
CA ARG B 257 19.34 -20.79 3.41
C ARG B 257 20.27 -20.29 2.31
N ALA B 258 21.20 -21.15 1.91
CA ALA B 258 22.16 -20.82 0.85
C ALA B 258 21.86 -21.66 -0.38
N SER B 259 22.01 -21.07 -1.56
CA SER B 259 21.76 -21.77 -2.81
C SER B 259 23.05 -22.44 -3.25
N PHE B 260 24.15 -22.05 -2.60
CA PHE B 260 25.46 -22.57 -2.95
C PHE B 260 26.16 -23.19 -1.74
ZN ZN C . -14.79 1.14 3.36
C1 M29 D . -10.97 2.20 2.56
C2 M29 D . -10.57 2.76 1.30
C3 M29 D . -9.49 2.21 0.58
C4 M29 D . -8.78 1.10 1.10
C5 M29 D . -9.16 0.54 2.33
C6 M29 D . -10.25 1.10 3.07
S M29 D . -12.31 2.90 3.47
O1 M29 D . -13.19 3.47 2.48
O2 M29 D . -11.66 3.84 4.38
N M29 D . -13.01 1.73 4.31
C7 M29 D . -7.60 0.53 0.37
C8 M29 D . -7.95 -0.29 -0.86
C9 M29 D . -6.79 -0.87 -1.65
O3 M29 D . -7.18 -1.56 -2.77
O4 M29 D . -5.66 -0.70 -1.30
C10 M29 D . -6.12 -2.11 -3.60
C11 M29 D . -6.82 -2.62 -4.86
S DMS E . -26.90 19.93 7.27
O DMS E . -25.97 19.49 8.26
C1 DMS E . -28.60 19.65 7.84
C2 DMS E . -26.85 21.72 6.99
ZN ZN F . 15.43 -0.97 0.53
C1 M29 G . 11.54 -1.91 0.62
C2 M29 G . 10.88 -2.45 -0.54
C3 M29 G . 9.68 -1.87 -1.01
C4 M29 G . 9.12 -0.75 -0.36
C5 M29 G . 9.76 -0.21 0.77
C6 M29 G . 10.98 -0.78 1.27
S M29 G . 13.02 -2.64 1.24
O1 M29 G . 13.66 -3.29 0.12
O2 M29 G . 12.52 -3.53 2.29
N M29 G . 13.96 -1.50 1.88
C7 M29 G . 7.82 -0.14 -0.84
C8 M29 G . 7.86 0.43 -2.24
C9 M29 G . 6.58 1.02 -2.77
O3 M29 G . 6.69 1.53 -4.03
O4 M29 G . 5.57 1.01 -2.11
C10 M29 G . 5.51 2.10 -4.63
C11 M29 G . 5.93 2.53 -6.03
#